data_6JAZ
#
_entry.id   6JAZ
#
_cell.length_a   85.270
_cell.length_b   85.270
_cell.length_c   145.650
_cell.angle_alpha   90.000
_cell.angle_beta   90.000
_cell.angle_gamma   90.000
#
_symmetry.space_group_name_H-M   'P 41 21 2'
#
loop_
_entity.id
_entity.type
_entity.pdbx_description
1 polymer 'ABC transporter, periplasmic substrate-binding protein'
2 branched alpha-D-glucopyranose-(1-1)-alpha-D-glucopyranose
3 non-polymer 'CITRIC ACID'
4 non-polymer 1,2-ETHANEDIOL
5 water water
#
_entity_poly.entity_id   1
_entity_poly.type   'polypeptide(L)'
_entity_poly.pdbx_seq_one_letter_code
;QSGPVIRVAGDSTAVGEGGRWMKEMVEAWGKKTGTRVEYIDSPADTNDRLALYQQYWAARSPDVDVYMIDVIWPGIVAPH
ALDLKPYLTEAELKEFFPRIVQNNTIRGKLTSLPFFTDAGILYYRKDLLEKYGYTSPPRTWNELEQMAERVMEGERRAGN
RDFWGFVFQGKPYEGLTCDALEWIYSHGGGRIVEPDGTISVNNGRAALALNRAHGWVGRIAPQGVTSYAEEEARNVWQQG
NSLFMRNWPYAYALGQAEGSPIRGKFGVTVLPKASADAPNAATLGGFQLMVSAYSRYPKEAVDLVKYLASYEVQKDNAVR
LSRLPTRPALYTDRDVLARNPWFRDLLPVFQNAVSRPSDVAGARYNQVSEAIWTEVHSVLTGRKKGEQAVRDLEARIRRI
LRHHHHHH
;
_entity_poly.pdbx_strand_id   A
#
loop_
_chem_comp.id
_chem_comp.type
_chem_comp.name
_chem_comp.formula
CIT non-polymer 'CITRIC ACID' 'C6 H8 O7'
EDO non-polymer 1,2-ETHANEDIOL 'C2 H6 O2'
GLC D-saccharide, alpha linking alpha-D-glucopyranose 'C6 H12 O6'
#
# COMPACT_ATOMS: atom_id res chain seq x y z
N GLY A 3 8.99 15.11 -32.68
CA GLY A 3 8.29 13.78 -32.66
C GLY A 3 7.34 13.72 -31.47
N PRO A 4 6.79 12.53 -31.18
CA PRO A 4 5.81 12.47 -30.08
C PRO A 4 6.33 12.93 -28.70
N VAL A 5 5.41 13.39 -27.87
CA VAL A 5 5.70 13.65 -26.48
C VAL A 5 4.91 12.61 -25.65
N ILE A 6 5.64 11.77 -24.94
CA ILE A 6 5.03 10.68 -24.14
C ILE A 6 4.84 11.22 -22.71
N ARG A 7 3.58 11.27 -22.25
CA ARG A 7 3.22 11.91 -21.05
C ARG A 7 2.78 10.86 -20.04
N VAL A 8 3.30 10.99 -18.84
CA VAL A 8 3.11 9.98 -17.79
C VAL A 8 2.48 10.56 -16.54
N ALA A 9 1.43 9.90 -16.01
CA ALA A 9 0.84 10.26 -14.72
C ALA A 9 1.02 9.06 -13.84
N GLY A 10 1.78 9.20 -12.79
CA GLY A 10 1.87 8.06 -11.88
C GLY A 10 2.74 8.41 -10.67
N ASP A 11 2.34 7.93 -9.51
CA ASP A 11 3.03 8.26 -8.25
C ASP A 11 2.82 9.73 -7.92
N SER A 12 3.30 10.15 -6.77
CA SER A 12 3.09 11.54 -6.32
C SER A 12 4.32 12.07 -5.70
N THR A 13 4.69 13.31 -6.00
CA THR A 13 5.75 13.95 -5.31
C THR A 13 5.41 14.29 -3.86
N ALA A 14 4.17 14.13 -3.45
CA ALA A 14 3.75 14.28 -2.08
C ALA A 14 3.96 13.04 -1.21
N VAL A 15 4.43 11.94 -1.78
CA VAL A 15 4.65 10.74 -0.95
C VAL A 15 6.11 10.26 -1.12
N GLY A 16 6.94 10.58 -0.10
CA GLY A 16 8.35 10.17 -0.11
C GLY A 16 9.04 10.65 -1.37
N GLU A 17 9.86 9.76 -1.93
CA GLU A 17 10.62 10.06 -3.13
C GLU A 17 10.01 9.50 -4.40
N GLY A 18 8.79 8.94 -4.32
CA GLY A 18 8.23 8.20 -5.45
C GLY A 18 7.99 9.04 -6.69
N GLY A 19 7.41 10.21 -6.54
CA GLY A 19 7.20 11.01 -7.70
C GLY A 19 8.50 11.54 -8.30
N ARG A 20 9.43 11.98 -7.47
CA ARG A 20 10.70 12.49 -7.99
C ARG A 20 11.47 11.39 -8.73
N TRP A 21 11.50 10.20 -8.13
CA TRP A 21 12.17 9.05 -8.73
C TRP A 21 11.46 8.62 -10.03
N MET A 22 10.14 8.63 -10.05
CA MET A 22 9.40 8.20 -11.24
C MET A 22 9.74 9.20 -12.37
N LYS A 23 9.70 10.50 -12.06
CA LYS A 23 10.02 11.47 -13.11
C LYS A 23 11.46 11.22 -13.63
N GLU A 24 12.41 10.95 -12.73
CA GLU A 24 13.77 10.67 -13.11
C GLU A 24 13.87 9.43 -14.09
N MET A 25 13.13 8.36 -13.80
CA MET A 25 13.14 7.19 -14.64
C MET A 25 12.53 7.44 -16.02
N VAL A 26 11.46 8.24 -16.05
CA VAL A 26 10.83 8.60 -17.31
C VAL A 26 11.78 9.47 -18.13
N GLU A 27 12.43 10.41 -17.49
CA GLU A 27 13.43 11.26 -18.23
C GLU A 27 14.58 10.44 -18.75
N ALA A 28 15.00 9.42 -18.02
CA ALA A 28 16.10 8.54 -18.42
C ALA A 28 15.72 7.75 -19.64
N TRP A 29 14.46 7.29 -19.69
CA TRP A 29 13.97 6.56 -20.84
C TRP A 29 13.96 7.52 -22.01
N GLY A 30 13.48 8.73 -21.77
CA GLY A 30 13.36 9.70 -22.85
C GLY A 30 14.76 10.00 -23.47
N LYS A 31 15.73 10.19 -22.62
CA LYS A 31 17.08 10.45 -23.07
C LYS A 31 17.67 9.24 -23.79
N LYS A 32 17.43 8.04 -23.26
CA LYS A 32 17.94 6.83 -23.85
C LYS A 32 17.41 6.60 -25.27
N THR A 33 16.14 6.96 -25.52
CA THR A 33 15.51 6.62 -26.75
C THR A 33 15.35 7.81 -27.67
N GLY A 34 15.78 8.99 -27.23
CA GLY A 34 15.56 10.25 -27.94
C GLY A 34 14.10 10.63 -28.09
N THR A 35 13.28 10.43 -27.05
CA THR A 35 11.85 10.72 -27.13
C THR A 35 11.57 11.80 -26.09
N ARG A 36 10.82 12.81 -26.47
CA ARG A 36 10.36 13.80 -25.55
C ARG A 36 9.37 13.18 -24.57
N VAL A 37 9.45 13.60 -23.31
CA VAL A 37 8.56 13.07 -22.24
C VAL A 37 8.08 14.20 -21.39
N GLU A 38 6.92 14.02 -20.72
CA GLU A 38 6.47 14.94 -19.70
C GLU A 38 5.90 14.12 -18.53
N TYR A 39 6.12 14.59 -17.33
CA TYR A 39 5.58 13.92 -16.13
C TYR A 39 4.49 14.81 -15.58
N ILE A 40 3.33 14.23 -15.30
CA ILE A 40 2.21 14.91 -14.67
C ILE A 40 2.08 14.36 -13.28
N ASP A 41 2.18 15.27 -12.32
CA ASP A 41 2.08 14.92 -10.89
C ASP A 41 0.61 14.50 -10.52
N SER A 42 0.48 13.86 -9.38
CA SER A 42 -0.77 13.37 -8.87
C SER A 42 -0.89 13.67 -7.37
N PRO A 43 -2.11 13.72 -6.86
CA PRO A 43 -2.29 13.86 -5.42
C PRO A 43 -1.75 12.67 -4.63
N ALA A 44 -1.51 12.88 -3.35
CA ALA A 44 -0.94 11.78 -2.55
C ALA A 44 -1.78 10.51 -2.47
N ASP A 45 -3.06 10.64 -2.20
CA ASP A 45 -3.90 9.46 -1.84
C ASP A 45 -4.40 8.77 -3.08
N THR A 46 -4.26 7.48 -3.09
CA THR A 46 -4.69 6.68 -4.25
C THR A 46 -6.12 6.97 -4.72
N ASN A 47 -7.06 7.08 -3.79
CA ASN A 47 -8.43 7.31 -4.20
C ASN A 47 -8.64 8.71 -4.86
N ASP A 48 -7.83 9.68 -4.46
CA ASP A 48 -7.84 10.99 -5.16
C ASP A 48 -7.24 10.89 -6.54
N ARG A 49 -6.17 10.06 -6.67
CA ARG A 49 -5.65 9.78 -7.99
C ARG A 49 -6.64 9.12 -8.92
N LEU A 50 -7.37 8.14 -8.43
CA LEU A 50 -8.36 7.52 -9.25
C LEU A 50 -9.37 8.54 -9.79
N ALA A 51 -9.83 9.42 -8.95
CA ALA A 51 -10.80 10.40 -9.43
C ALA A 51 -10.20 11.34 -10.46
N LEU A 52 -8.96 11.77 -10.23
CA LEU A 52 -8.25 12.60 -11.21
C LEU A 52 -8.10 11.87 -12.56
N TYR A 53 -7.58 10.65 -12.54
CA TYR A 53 -7.41 9.90 -13.76
C TYR A 53 -8.75 9.64 -14.50
N GLN A 54 -9.81 9.39 -13.74
CA GLN A 54 -11.14 9.16 -14.30
CA GLN A 54 -11.15 9.18 -14.31
C GLN A 54 -11.63 10.36 -15.11
N GLN A 55 -11.14 11.57 -14.77
CA GLN A 55 -11.48 12.73 -15.58
C GLN A 55 -10.93 12.55 -16.98
N TYR A 56 -9.65 12.15 -17.06
CA TYR A 56 -9.04 11.95 -18.34
C TYR A 56 -9.74 10.80 -19.10
N TRP A 57 -9.95 9.72 -18.42
CA TRP A 57 -10.53 8.54 -19.08
C TRP A 57 -11.97 8.83 -19.63
N ALA A 58 -12.81 9.46 -18.82
CA ALA A 58 -14.16 9.86 -19.23
C ALA A 58 -14.09 10.68 -20.52
N ALA A 59 -13.09 11.53 -20.64
CA ALA A 59 -12.92 12.38 -21.80
C ALA A 59 -12.24 11.68 -22.98
N ARG A 60 -11.86 10.41 -22.84
CA ARG A 60 -11.04 9.69 -23.81
C ARG A 60 -9.80 10.51 -24.12
N SER A 61 -9.20 11.11 -23.10
CA SER A 61 -8.18 12.09 -23.38
C SER A 61 -6.88 11.51 -23.84
N PRO A 62 -6.28 12.06 -24.90
CA PRO A 62 -4.95 11.61 -25.32
C PRO A 62 -3.83 12.31 -24.56
N ASP A 63 -4.17 13.11 -23.54
CA ASP A 63 -3.17 13.96 -22.87
C ASP A 63 -2.30 13.21 -21.87
N VAL A 64 -2.60 11.94 -21.56
CA VAL A 64 -1.65 11.09 -20.79
C VAL A 64 -1.56 9.75 -21.51
N ASP A 65 -0.33 9.29 -21.76
CA ASP A 65 -0.11 8.04 -22.44
C ASP A 65 0.06 6.83 -21.51
N VAL A 66 0.64 7.09 -20.34
CA VAL A 66 0.96 6.02 -19.41
C VAL A 66 0.49 6.43 -18.03
N TYR A 67 -0.20 5.52 -17.34
CA TYR A 67 -0.66 5.74 -15.96
C TYR A 67 -0.09 4.67 -15.02
N MET A 68 0.25 5.04 -13.80
CA MET A 68 0.59 4.09 -12.79
C MET A 68 -0.66 3.81 -11.99
N ILE A 69 -1.12 2.54 -12.01
CA ILE A 69 -2.44 2.20 -11.53
C ILE A 69 -2.30 1.29 -10.29
N ASP A 70 -3.19 1.47 -9.33
CA ASP A 70 -3.14 0.71 -8.08
C ASP A 70 -3.62 -0.74 -8.35
N VAL A 71 -3.14 -1.68 -7.53
CA VAL A 71 -3.44 -3.10 -7.62
C VAL A 71 -4.92 -3.38 -7.53
N ILE A 72 -5.65 -2.49 -6.87
CA ILE A 72 -7.08 -2.55 -6.70
C ILE A 72 -7.89 -2.03 -7.90
N TRP A 73 -7.24 -1.51 -8.93
CA TRP A 73 -7.92 -0.86 -10.02
C TRP A 73 -8.24 -1.62 -11.30
N PRO A 74 -7.51 -2.70 -11.61
CA PRO A 74 -7.75 -3.31 -12.98
C PRO A 74 -9.22 -3.52 -13.36
N GLY A 75 -10.01 -4.01 -12.43
CA GLY A 75 -11.39 -4.24 -12.70
C GLY A 75 -12.23 -3.00 -13.00
N ILE A 76 -11.83 -1.88 -12.44
CA ILE A 76 -12.41 -0.55 -12.74
C ILE A 76 -11.90 0.03 -14.08
N VAL A 77 -10.60 -0.05 -14.31
CA VAL A 77 -9.95 0.73 -15.37
C VAL A 77 -9.77 -0.02 -16.65
N ALA A 78 -10.11 -1.30 -16.68
CA ALA A 78 -9.83 -2.10 -17.89
C ALA A 78 -10.25 -1.52 -19.24
N PRO A 79 -11.44 -0.92 -19.33
CA PRO A 79 -11.83 -0.29 -20.62
C PRO A 79 -10.93 0.79 -21.07
N HIS A 80 -10.20 1.39 -20.10
CA HIS A 80 -9.31 2.52 -20.43
C HIS A 80 -7.84 2.07 -20.68
N ALA A 81 -7.58 0.75 -20.60
CA ALA A 81 -6.26 0.18 -20.75
C ALA A 81 -6.11 -0.43 -22.16
N LEU A 82 -4.97 -0.22 -22.77
CA LEU A 82 -4.53 -0.99 -23.96
C LEU A 82 -4.11 -2.34 -23.54
N ASP A 83 -4.66 -3.39 -24.18
CA ASP A 83 -4.25 -4.76 -23.86
C ASP A 83 -2.81 -4.95 -24.22
N LEU A 84 -2.01 -5.30 -23.22
CA LEU A 84 -0.57 -5.45 -23.41
C LEU A 84 -0.21 -6.85 -23.83
N LYS A 85 -1.14 -7.79 -23.72
CA LYS A 85 -0.82 -9.22 -24.00
C LYS A 85 -0.10 -9.44 -25.35
N PRO A 86 -0.58 -8.79 -26.40
CA PRO A 86 0.11 -9.04 -27.69
C PRO A 86 1.50 -8.45 -27.78
N TYR A 87 1.82 -7.57 -26.84
CA TYR A 87 3.16 -6.94 -26.84
C TYR A 87 4.25 -7.63 -26.08
N LEU A 88 3.91 -8.65 -25.33
CA LEU A 88 4.82 -9.37 -24.51
C LEU A 88 4.86 -10.86 -24.88
N THR A 89 6.02 -11.46 -24.87
CA THR A 89 6.08 -12.92 -25.05
C THR A 89 5.71 -13.59 -23.75
N GLU A 90 5.36 -14.88 -23.81
CA GLU A 90 5.04 -15.63 -22.60
C GLU A 90 6.27 -15.65 -21.69
N ALA A 91 7.46 -15.67 -22.26
CA ALA A 91 8.66 -15.76 -21.41
C ALA A 91 8.83 -14.43 -20.66
N GLU A 92 8.62 -13.32 -21.35
CA GLU A 92 8.70 -12.02 -20.73
C GLU A 92 7.76 -11.88 -19.53
N LEU A 93 6.52 -12.36 -19.70
CA LEU A 93 5.49 -12.25 -18.70
C LEU A 93 5.75 -13.13 -17.56
N LYS A 94 6.38 -14.29 -17.79
CA LYS A 94 6.68 -15.16 -16.68
C LYS A 94 7.78 -14.65 -15.74
N GLU A 95 8.46 -13.59 -16.10
CA GLU A 95 9.49 -13.04 -15.22
C GLU A 95 8.87 -12.26 -14.05
N PHE A 96 7.56 -12.02 -14.10
CA PHE A 96 6.84 -11.33 -13.03
C PHE A 96 6.13 -12.39 -12.19
N PHE A 97 5.82 -12.08 -10.92
CA PHE A 97 5.02 -12.96 -10.09
C PHE A 97 3.69 -13.26 -10.76
N PRO A 98 3.37 -14.54 -10.93
CA PRO A 98 2.10 -14.84 -11.62
C PRO A 98 0.85 -14.29 -10.93
N ARG A 99 0.85 -14.19 -9.62
CA ARG A 99 -0.28 -13.65 -8.89
C ARG A 99 -0.66 -12.20 -9.35
N ILE A 100 0.35 -11.36 -9.57
CA ILE A 100 0.14 -10.01 -9.97
C ILE A 100 -0.23 -9.90 -11.44
N VAL A 101 0.37 -10.74 -12.28
CA VAL A 101 -0.06 -10.78 -13.69
C VAL A 101 -1.54 -11.16 -13.79
N GLN A 102 -1.95 -12.13 -12.97
CA GLN A 102 -3.33 -12.55 -12.92
C GLN A 102 -4.24 -11.41 -12.41
N ASN A 103 -3.83 -10.75 -11.32
CA ASN A 103 -4.61 -9.62 -10.81
C ASN A 103 -4.82 -8.57 -11.93
N ASN A 104 -3.79 -8.31 -12.72
CA ASN A 104 -3.83 -7.29 -13.76
C ASN A 104 -4.55 -7.72 -15.05
N THR A 105 -4.96 -8.98 -15.14
CA THR A 105 -5.65 -9.51 -16.28
C THR A 105 -7.14 -9.58 -15.99
N ILE A 106 -7.92 -8.88 -16.82
CA ILE A 106 -9.35 -8.74 -16.64
C ILE A 106 -10.00 -9.15 -17.99
N ARG A 107 -10.74 -10.21 -17.90
CA ARG A 107 -11.45 -10.76 -19.11
C ARG A 107 -10.47 -10.94 -20.24
N GLY A 108 -9.28 -11.46 -19.87
CA GLY A 108 -8.22 -11.73 -20.86
C GLY A 108 -7.35 -10.59 -21.27
N LYS A 109 -7.74 -9.37 -20.89
CA LYS A 109 -6.92 -8.24 -21.25
C LYS A 109 -5.84 -8.08 -20.19
N LEU A 110 -4.60 -8.03 -20.61
CA LEU A 110 -3.50 -7.70 -19.68
C LEU A 110 -3.50 -6.16 -19.59
N THR A 111 -4.12 -5.66 -18.52
CA THR A 111 -4.34 -4.21 -18.40
C THR A 111 -3.05 -3.44 -18.19
N SER A 112 -2.03 -4.10 -17.63
CA SER A 112 -0.94 -3.39 -17.08
C SER A 112 0.19 -4.34 -16.68
N LEU A 113 1.40 -3.83 -16.70
CA LEU A 113 2.55 -4.64 -16.23
C LEU A 113 2.79 -4.39 -14.74
N PRO A 114 3.09 -5.44 -14.00
CA PRO A 114 3.48 -5.26 -12.56
C PRO A 114 4.70 -4.39 -12.43
N PHE A 115 4.68 -3.47 -11.48
CA PHE A 115 5.78 -2.51 -11.33
C PHE A 115 6.41 -2.74 -9.99
N PHE A 116 5.77 -2.33 -8.90
CA PHE A 116 6.24 -2.69 -7.55
C PHE A 116 5.08 -3.26 -6.77
N THR A 117 5.36 -4.19 -5.87
CA THR A 117 4.31 -4.74 -5.00
C THR A 117 4.42 -4.02 -3.67
N ASP A 118 3.65 -4.45 -2.69
CA ASP A 118 3.58 -3.74 -1.43
C ASP A 118 2.85 -4.67 -0.45
N ALA A 119 3.21 -4.53 0.80
CA ALA A 119 2.56 -5.24 1.89
C ALA A 119 2.71 -4.44 3.18
N GLY A 120 1.66 -4.37 3.97
CA GLY A 120 1.73 -3.67 5.27
C GLY A 120 2.61 -4.42 6.25
N ILE A 121 3.51 -3.68 6.88
CA ILE A 121 4.43 -4.24 7.85
C ILE A 121 4.54 -3.35 9.10
N LEU A 122 5.08 -3.97 10.15
CA LEU A 122 5.35 -3.28 11.44
C LEU A 122 6.79 -2.81 11.52
N TYR A 123 6.91 -1.48 11.59
CA TYR A 123 8.15 -0.80 11.88
C TYR A 123 8.27 -0.65 13.42
N TYR A 124 9.46 -0.90 13.94
CA TYR A 124 9.64 -0.79 15.43
C TYR A 124 11.03 -0.27 15.77
N ARG A 125 11.08 0.53 16.85
CA ARG A 125 12.30 1.17 17.27
C ARG A 125 13.04 0.16 18.16
N LYS A 126 14.07 -0.41 17.61
CA LYS A 126 14.81 -1.44 18.33
C LYS A 126 15.65 -0.93 19.49
N ASP A 127 16.07 0.31 19.41
CA ASP A 127 16.78 0.96 20.52
C ASP A 127 15.89 1.08 21.70
N LEU A 128 14.64 1.46 21.45
CA LEU A 128 13.71 1.62 22.52
C LEU A 128 13.25 0.26 23.07
N LEU A 129 13.05 -0.72 22.23
CA LEU A 129 12.68 -2.07 22.77
C LEU A 129 13.78 -2.54 23.78
N GLU A 130 15.02 -2.40 23.36
CA GLU A 130 16.19 -2.79 24.20
C GLU A 130 16.22 -1.99 25.50
N LYS A 131 16.04 -0.68 25.40
CA LYS A 131 16.03 0.23 26.55
C LYS A 131 15.03 -0.22 27.59
N TYR A 132 13.91 -0.76 27.16
CA TYR A 132 12.85 -1.10 28.05
C TYR A 132 12.76 -2.61 28.32
N GLY A 133 13.79 -3.38 27.92
CA GLY A 133 13.89 -4.81 28.34
C GLY A 133 13.18 -5.80 27.46
N TYR A 134 12.81 -5.42 26.22
CA TYR A 134 12.11 -6.30 25.34
C TYR A 134 13.13 -6.81 24.33
N THR A 135 13.11 -8.09 24.03
CA THR A 135 14.09 -8.63 23.11
C THR A 135 13.54 -8.85 21.73
N SER A 136 12.22 -8.89 21.58
CA SER A 136 11.63 -9.11 20.25
C SER A 136 10.49 -8.14 20.02
N PRO A 137 10.18 -7.90 18.74
CA PRO A 137 8.97 -7.06 18.53
C PRO A 137 7.73 -7.85 18.91
N PRO A 138 6.60 -7.18 19.09
CA PRO A 138 5.40 -7.83 19.52
C PRO A 138 4.80 -8.77 18.48
N ARG A 139 4.31 -9.93 18.94
CA ARG A 139 3.69 -10.90 18.06
C ARG A 139 2.20 -10.82 18.13
N THR A 140 1.67 -10.24 19.21
CA THR A 140 0.23 -10.12 19.38
C THR A 140 -0.10 -8.63 19.60
N TRP A 141 -1.34 -8.26 19.26
CA TRP A 141 -1.82 -6.88 19.44
C TRP A 141 -1.77 -6.55 20.95
N ASN A 142 -2.11 -7.54 21.78
CA ASN A 142 -2.00 -7.25 23.25
C ASN A 142 -0.55 -6.88 23.60
N GLU A 143 0.43 -7.60 23.12
CA GLU A 143 1.81 -7.27 23.38
C GLU A 143 2.22 -5.92 22.86
N LEU A 144 1.75 -5.60 21.65
CA LEU A 144 2.02 -4.28 21.11
C LEU A 144 1.49 -3.15 22.04
N GLU A 145 0.29 -3.35 22.53
CA GLU A 145 -0.31 -2.40 23.47
C GLU A 145 0.49 -2.28 24.77
N GLN A 146 0.89 -3.42 25.33
CA GLN A 146 1.66 -3.44 26.61
C GLN A 146 3.01 -2.76 26.45
N MET A 147 3.74 -3.07 25.38
CA MET A 147 5.02 -2.44 25.04
C MET A 147 4.85 -0.93 24.84
N ALA A 148 3.88 -0.54 24.02
CA ALA A 148 3.61 0.90 23.80
C ALA A 148 3.30 1.63 25.09
N GLU A 149 2.47 1.09 25.95
CA GLU A 149 2.12 1.78 27.20
C GLU A 149 3.40 2.00 28.05
N ARG A 150 4.20 0.98 28.17
CA ARG A 150 5.40 1.05 28.99
C ARG A 150 6.46 1.99 28.43
N VAL A 151 6.70 1.95 27.13
CA VAL A 151 7.70 2.80 26.56
C VAL A 151 7.21 4.26 26.57
N MET A 152 5.92 4.47 26.29
CA MET A 152 5.35 5.81 26.33
C MET A 152 5.47 6.43 27.71
N GLU A 153 5.14 5.68 28.74
CA GLU A 153 5.24 6.13 30.14
C GLU A 153 6.68 6.63 30.41
N GLY A 154 7.66 5.84 29.98
CA GLY A 154 9.01 6.21 30.18
C GLY A 154 9.59 7.32 29.38
N GLU A 155 9.22 7.39 28.09
CA GLU A 155 9.74 8.45 27.26
C GLU A 155 9.08 9.79 27.60
N ARG A 156 7.84 9.77 28.06
CA ARG A 156 7.15 10.99 28.42
C ARG A 156 7.75 11.48 29.73
N ARG A 157 7.93 10.56 30.69
CA ARG A 157 8.56 10.90 31.98
C ARG A 157 9.95 11.46 31.76
N ALA A 158 10.70 10.97 30.78
CA ALA A 158 11.98 11.53 30.47
C ALA A 158 11.95 12.85 29.74
N GLY A 159 10.76 13.36 29.40
CA GLY A 159 10.67 14.68 28.80
C GLY A 159 10.28 14.75 27.33
N ASN A 160 10.03 13.62 26.64
CA ASN A 160 9.63 13.73 25.24
C ASN A 160 8.11 13.80 25.19
N ARG A 161 7.60 15.03 25.19
CA ARG A 161 6.14 15.17 25.25
C ARG A 161 5.47 14.85 23.88
N ASP A 162 6.26 14.71 22.83
CA ASP A 162 5.78 14.40 21.52
C ASP A 162 5.67 12.87 21.26
N PHE A 163 6.06 12.05 22.25
CA PHE A 163 6.23 10.60 22.03
C PHE A 163 4.91 9.84 22.15
N TRP A 164 4.70 8.94 21.16
CA TRP A 164 3.57 8.05 21.07
C TRP A 164 4.01 6.60 20.89
N GLY A 165 3.10 5.68 21.24
CA GLY A 165 3.39 4.27 21.09
C GLY A 165 3.21 3.69 19.68
N PHE A 166 2.23 4.20 18.94
CA PHE A 166 1.86 3.59 17.67
C PHE A 166 1.25 4.63 16.76
N VAL A 167 1.72 4.69 15.49
CA VAL A 167 1.05 5.48 14.48
C VAL A 167 0.68 4.59 13.28
N PHE A 168 -0.40 4.93 12.59
CA PHE A 168 -0.90 4.15 11.48
C PHE A 168 -1.78 5.08 10.64
N GLN A 169 -2.47 4.55 9.62
CA GLN A 169 -3.26 5.37 8.70
C GLN A 169 -4.72 5.29 9.16
N GLY A 170 -5.19 6.33 9.84
CA GLY A 170 -6.56 6.39 10.31
C GLY A 170 -7.48 7.39 9.59
N LYS A 171 -6.96 8.09 8.58
CA LYS A 171 -7.74 9.02 7.77
C LYS A 171 -8.82 8.27 7.00
N PRO A 172 -9.96 8.91 6.68
CA PRO A 172 -11.00 8.22 5.88
C PRO A 172 -10.63 8.23 4.41
N TYR A 173 -9.93 7.19 3.97
CA TYR A 173 -9.48 7.06 2.58
C TYR A 173 -9.05 5.59 2.40
N GLU A 174 -8.54 5.28 1.21
CA GLU A 174 -8.21 3.88 0.87
C GLU A 174 -7.19 3.27 1.85
N GLY A 175 -6.23 4.08 2.34
CA GLY A 175 -5.26 3.58 3.29
C GLY A 175 -5.84 2.98 4.55
N LEU A 176 -7.00 3.49 4.97
CA LEU A 176 -7.66 2.95 6.13
C LEU A 176 -8.34 1.64 5.80
N THR A 177 -8.89 1.49 4.60
CA THR A 177 -9.28 0.13 4.17
C THR A 177 -8.14 -0.89 4.31
N CYS A 178 -6.94 -0.48 3.91
CA CYS A 178 -5.77 -1.32 4.08
C CYS A 178 -5.47 -1.69 5.52
N ASP A 179 -5.42 -0.69 6.40
CA ASP A 179 -5.13 -0.94 7.79
C ASP A 179 -6.23 -1.82 8.40
N ALA A 180 -7.48 -1.54 8.06
CA ALA A 180 -8.63 -2.22 8.68
C ALA A 180 -8.71 -3.69 8.24
N LEU A 181 -8.37 -3.95 6.96
CA LEU A 181 -8.35 -5.37 6.48
C LEU A 181 -7.34 -6.12 7.36
N GLU A 182 -6.18 -5.51 7.62
CA GLU A 182 -5.17 -6.12 8.52
C GLU A 182 -5.69 -6.37 9.93
N TRP A 183 -6.35 -5.37 10.52
CA TRP A 183 -6.93 -5.58 11.83
C TRP A 183 -7.94 -6.74 11.83
N ILE A 184 -8.89 -6.72 10.89
CA ILE A 184 -9.95 -7.70 10.86
C ILE A 184 -9.40 -9.09 10.60
N TYR A 185 -8.58 -9.19 9.55
CA TYR A 185 -8.02 -10.51 9.14
C TYR A 185 -7.17 -11.12 10.29
N SER A 186 -6.38 -10.28 10.96
CA SER A 186 -5.46 -10.71 12.00
C SER A 186 -6.20 -11.03 13.32
N HIS A 187 -7.46 -10.73 13.40
CA HIS A 187 -8.34 -11.17 14.51
C HIS A 187 -9.15 -12.43 14.13
N GLY A 188 -8.90 -13.00 12.95
CA GLY A 188 -9.72 -14.14 12.47
C GLY A 188 -11.11 -13.71 12.07
N GLY A 189 -11.27 -12.42 11.70
CA GLY A 189 -12.55 -11.92 11.23
C GLY A 189 -12.86 -11.93 9.75
N GLY A 190 -11.97 -12.49 8.95
CA GLY A 190 -12.21 -12.70 7.51
C GLY A 190 -11.65 -11.56 6.69
N ARG A 191 -12.10 -11.49 5.44
CA ARG A 191 -11.56 -10.63 4.41
C ARG A 191 -12.54 -9.50 4.02
N ILE A 192 -13.58 -9.31 4.85
CA ILE A 192 -14.64 -8.34 4.65
C ILE A 192 -15.66 -8.78 3.61
N VAL A 193 -15.23 -8.93 2.37
CA VAL A 193 -15.93 -9.64 1.35
C VAL A 193 -15.02 -10.79 0.90
N GLU A 194 -15.50 -12.04 0.99
CA GLU A 194 -14.67 -13.16 0.67
C GLU A 194 -14.55 -13.29 -0.86
N PRO A 195 -13.53 -14.01 -1.32
CA PRO A 195 -13.35 -14.17 -2.77
C PRO A 195 -14.52 -14.78 -3.45
N ASP A 196 -15.28 -15.61 -2.73
CA ASP A 196 -16.49 -16.19 -3.26
C ASP A 196 -17.70 -15.26 -3.28
N GLY A 197 -17.60 -14.05 -2.76
CA GLY A 197 -18.69 -13.13 -2.79
C GLY A 197 -19.37 -12.95 -1.45
N THR A 198 -19.11 -13.87 -0.50
CA THR A 198 -19.79 -13.81 0.76
C THR A 198 -19.35 -12.51 1.52
N ILE A 199 -20.29 -11.71 1.96
CA ILE A 199 -20.00 -10.53 2.82
C ILE A 199 -19.95 -11.03 4.20
N SER A 200 -18.78 -11.11 4.77
CA SER A 200 -18.57 -11.86 6.01
C SER A 200 -18.31 -10.97 7.19
N VAL A 201 -18.21 -9.66 6.94
CA VAL A 201 -17.66 -8.73 7.96
C VAL A 201 -18.49 -8.61 9.24
N ASN A 202 -19.80 -8.92 9.18
CA ASN A 202 -20.61 -8.79 10.40
C ASN A 202 -20.37 -10.04 11.28
N ASN A 203 -19.31 -10.03 12.08
CA ASN A 203 -18.97 -11.08 13.00
C ASN A 203 -18.21 -10.46 14.14
N GLY A 204 -18.23 -11.14 15.28
CA GLY A 204 -17.67 -10.57 16.51
C GLY A 204 -16.17 -10.36 16.52
N ARG A 205 -15.43 -11.14 15.71
CA ARG A 205 -14.00 -10.97 15.58
C ARG A 205 -13.69 -9.67 14.81
N ALA A 206 -14.39 -9.39 13.74
CA ALA A 206 -14.19 -8.15 13.03
C ALA A 206 -14.57 -6.98 13.98
N ALA A 207 -15.69 -7.14 14.69
CA ALA A 207 -16.11 -6.10 15.62
C ALA A 207 -15.07 -5.81 16.68
N LEU A 208 -14.51 -6.85 17.28
CA LEU A 208 -13.42 -6.72 18.25
C LEU A 208 -12.22 -6.03 17.65
N ALA A 209 -11.84 -6.42 16.45
CA ALA A 209 -10.72 -5.71 15.79
C ALA A 209 -10.93 -4.20 15.72
N LEU A 210 -12.13 -3.77 15.34
CA LEU A 210 -12.36 -2.35 15.19
C LEU A 210 -12.37 -1.63 16.57
N ASN A 211 -13.00 -2.29 17.53
CA ASN A 211 -13.04 -1.77 18.93
C ASN A 211 -11.64 -1.61 19.47
N ARG A 212 -10.79 -2.59 19.22
CA ARG A 212 -9.42 -2.52 19.67
C ARG A 212 -8.72 -1.29 19.09
N ALA A 213 -8.88 -1.09 17.79
CA ALA A 213 -8.25 0.03 17.14
C ALA A 213 -8.75 1.38 17.70
N HIS A 214 -10.06 1.49 17.95
CA HIS A 214 -10.60 2.68 18.63
C HIS A 214 -9.90 2.91 19.97
N GLY A 215 -9.67 1.82 20.69
CA GLY A 215 -9.04 1.90 22.00
C GLY A 215 -7.65 2.42 21.95
N TRP A 216 -6.96 2.33 20.80
CA TRP A 216 -5.67 2.99 20.66
C TRP A 216 -5.73 4.54 20.60
N VAL A 217 -6.81 5.12 20.10
CA VAL A 217 -6.81 6.52 19.66
C VAL A 217 -6.84 7.45 20.88
N GLY A 218 -5.80 8.25 20.96
CA GLY A 218 -5.63 9.16 22.09
C GLY A 218 -4.99 8.52 23.29
N ARG A 219 -4.64 7.23 23.21
CA ARG A 219 -4.09 6.46 24.30
C ARG A 219 -2.67 6.08 23.93
N ILE A 220 -2.45 5.07 23.05
CA ILE A 220 -1.13 4.83 22.51
C ILE A 220 -0.83 5.50 21.14
N ALA A 221 -1.88 5.88 20.44
CA ALA A 221 -1.79 6.62 19.19
C ALA A 221 -2.34 8.02 19.40
N PRO A 222 -1.83 8.99 18.68
CA PRO A 222 -2.32 10.38 18.79
C PRO A 222 -3.81 10.47 18.50
N GLN A 223 -4.50 11.40 19.14
CA GLN A 223 -5.88 11.66 18.79
C GLN A 223 -6.02 11.99 17.29
N GLY A 224 -5.03 12.68 16.75
CA GLY A 224 -5.05 13.07 15.32
C GLY A 224 -4.81 11.94 14.33
N VAL A 225 -4.58 10.69 14.82
CA VAL A 225 -4.38 9.57 13.91
C VAL A 225 -5.53 9.36 12.94
N THR A 226 -6.71 9.81 13.35
CA THR A 226 -7.89 9.75 12.49
C THR A 226 -7.84 10.70 11.32
N SER A 227 -6.74 11.41 11.16
CA SER A 227 -6.48 12.26 10.00
CA SER A 227 -6.50 12.20 9.95
C SER A 227 -5.20 11.82 9.24
N TYR A 228 -4.53 10.76 9.72
CA TYR A 228 -3.24 10.40 9.14
C TYR A 228 -3.34 9.48 7.92
N ALA A 229 -2.65 9.88 6.86
CA ALA A 229 -2.35 8.92 5.79
C ALA A 229 -0.89 8.48 5.96
N GLU A 230 -0.33 7.87 4.92
CA GLU A 230 1.00 7.28 5.01
C GLU A 230 2.04 8.26 5.49
N GLU A 231 2.05 9.45 4.89
CA GLU A 231 3.11 10.38 5.22
C GLU A 231 2.98 11.04 6.63
N GLU A 232 1.75 11.29 7.09
CA GLU A 232 1.52 11.82 8.44
C GLU A 232 1.99 10.88 9.50
N ALA A 233 1.68 9.59 9.33
CA ALA A 233 2.24 8.59 10.19
C ALA A 233 3.77 8.52 10.13
N ARG A 234 4.30 8.53 8.91
CA ARG A 234 5.75 8.42 8.72
C ARG A 234 6.46 9.61 9.36
N ASN A 235 5.87 10.79 9.30
CA ASN A 235 6.61 11.97 9.79
CA ASN A 235 6.49 12.04 9.86
C ASN A 235 6.70 11.91 11.37
N VAL A 236 5.66 11.41 12.07
CA VAL A 236 5.76 11.23 13.54
C VAL A 236 6.85 10.21 13.87
N TRP A 237 6.80 9.09 13.15
CA TRP A 237 7.78 7.99 13.30
C TRP A 237 9.20 8.47 13.02
N GLN A 238 9.35 9.15 11.90
CA GLN A 238 10.69 9.43 11.40
C GLN A 238 11.42 10.50 12.24
N GLN A 239 10.65 11.33 12.91
CA GLN A 239 11.19 12.35 13.82
C GLN A 239 11.60 11.67 15.12
N GLY A 240 11.28 10.39 15.32
CA GLY A 240 11.69 9.63 16.50
C GLY A 240 10.61 9.61 17.59
N ASN A 241 9.37 9.92 17.22
CA ASN A 241 8.30 10.06 18.16
C ASN A 241 7.25 8.93 18.16
N SER A 242 7.61 7.74 17.65
CA SER A 242 6.74 6.62 17.83
C SER A 242 7.47 5.30 17.95
N LEU A 243 7.11 4.49 18.94
CA LEU A 243 7.75 3.20 19.13
C LEU A 243 7.48 2.31 17.93
N PHE A 244 6.22 2.31 17.48
CA PHE A 244 5.76 1.44 16.41
C PHE A 244 5.06 2.25 15.31
N MET A 245 5.12 1.73 14.08
CA MET A 245 4.33 2.30 13.00
C MET A 245 3.90 1.18 12.05
N ARG A 246 2.64 1.18 11.62
CA ARG A 246 2.22 0.36 10.49
C ARG A 246 2.41 1.18 9.23
N ASN A 247 3.13 0.66 8.21
CA ASN A 247 3.29 1.34 6.99
C ASN A 247 3.80 0.38 5.93
N TRP A 248 4.02 0.89 4.74
CA TRP A 248 4.53 0.10 3.61
C TRP A 248 6.08 0.19 3.60
N PRO A 249 6.74 -0.73 2.86
CA PRO A 249 8.23 -0.77 2.68
C PRO A 249 8.93 0.55 2.32
N TYR A 250 8.29 1.45 1.58
CA TYR A 250 8.96 2.68 1.15
C TYR A 250 9.54 3.47 2.34
N ALA A 251 8.90 3.36 3.50
CA ALA A 251 9.33 4.12 4.65
C ALA A 251 10.71 3.76 5.15
N TYR A 252 11.15 2.55 4.81
CA TYR A 252 12.43 2.04 5.32
C TYR A 252 13.62 2.83 4.77
N ALA A 253 13.74 2.92 3.49
CA ALA A 253 14.84 3.72 2.91
C ALA A 253 14.83 5.19 3.40
N LEU A 254 13.64 5.80 3.51
CA LEU A 254 13.55 7.15 4.00
C LEU A 254 14.04 7.31 5.44
N GLY A 255 13.72 6.33 6.26
CA GLY A 255 14.17 6.30 7.65
C GLY A 255 15.67 6.10 7.82
N GLN A 256 16.31 5.44 6.86
CA GLN A 256 17.77 5.19 6.83
C GLN A 256 18.55 6.32 6.20
N ALA A 257 17.89 7.32 5.64
CA ALA A 257 18.63 8.30 4.89
C ALA A 257 19.49 9.18 5.84
N GLU A 258 20.56 9.73 5.28
CA GLU A 258 21.39 10.65 6.08
C GLU A 258 20.57 11.79 6.62
N GLY A 259 20.75 12.07 7.90
CA GLY A 259 19.93 13.09 8.55
C GLY A 259 18.57 12.65 9.11
N SER A 260 18.19 11.39 8.89
CA SER A 260 17.02 10.87 9.57
C SER A 260 17.38 10.68 11.02
N PRO A 261 16.55 11.18 11.95
CA PRO A 261 16.76 10.98 13.40
C PRO A 261 16.77 9.55 13.81
N ILE A 262 16.17 8.66 12.99
CA ILE A 262 16.02 7.29 13.40
C ILE A 262 16.92 6.33 12.64
N ARG A 263 17.81 6.85 11.81
CA ARG A 263 18.69 5.99 11.04
C ARG A 263 19.44 5.00 11.93
N GLY A 264 19.44 3.73 11.52
CA GLY A 264 20.04 2.64 12.26
C GLY A 264 19.29 2.22 13.53
N LYS A 265 18.13 2.78 13.86
CA LYS A 265 17.47 2.50 15.13
C LYS A 265 16.19 1.63 15.03
N PHE A 266 15.88 1.15 13.80
CA PHE A 266 14.64 0.39 13.67
C PHE A 266 14.75 -0.87 12.84
N GLY A 267 13.79 -1.75 13.03
CA GLY A 267 13.61 -2.93 12.17
C GLY A 267 12.18 -3.03 11.69
N VAL A 268 11.92 -4.06 10.93
CA VAL A 268 10.60 -4.34 10.45
C VAL A 268 10.26 -5.81 10.69
N THR A 269 8.96 -6.11 10.80
CA THR A 269 8.48 -7.46 10.99
C THR A 269 7.05 -7.51 10.56
N VAL A 270 6.50 -8.70 10.54
CA VAL A 270 5.10 -8.90 10.27
C VAL A 270 4.23 -8.19 11.34
N LEU A 271 3.07 -7.69 10.92
CA LEU A 271 2.19 -7.05 11.87
C LEU A 271 1.74 -8.09 12.90
N PRO A 272 1.42 -7.64 14.09
CA PRO A 272 0.91 -8.60 15.09
C PRO A 272 -0.44 -9.13 14.77
N LYS A 273 -0.83 -10.16 15.52
CA LYS A 273 -2.14 -10.73 15.36
C LYS A 273 -2.78 -11.07 16.71
N ALA A 274 -4.07 -11.41 16.66
CA ALA A 274 -4.81 -11.50 17.95
C ALA A 274 -4.27 -12.63 18.80
N SER A 275 -4.01 -13.77 18.18
CA SER A 275 -3.49 -14.94 18.85
C SER A 275 -2.71 -15.78 17.86
N ALA A 276 -1.89 -16.66 18.41
CA ALA A 276 -1.02 -17.50 17.65
C ALA A 276 -1.73 -18.28 16.51
N ASP A 277 -3.01 -18.60 16.67
CA ASP A 277 -3.70 -19.31 15.54
C ASP A 277 -4.47 -18.40 14.51
N ALA A 278 -4.53 -17.07 14.73
CA ALA A 278 -5.06 -16.17 13.71
C ALA A 278 -4.12 -16.12 12.50
N PRO A 279 -4.61 -15.71 11.33
CA PRO A 279 -3.58 -15.62 10.29
C PRO A 279 -2.79 -14.31 10.37
N ASN A 280 -1.57 -14.33 9.89
CA ASN A 280 -0.81 -13.11 9.75
C ASN A 280 -1.52 -12.27 8.70
N ALA A 281 -1.50 -10.95 8.87
CA ALA A 281 -2.12 -10.02 7.94
C ALA A 281 -1.09 -9.00 7.47
N ALA A 282 -0.98 -8.88 6.15
CA ALA A 282 -0.26 -7.85 5.46
C ALA A 282 -1.10 -7.56 4.23
N THR A 283 -1.66 -6.38 4.14
CA THR A 283 -2.52 -6.08 3.03
C THR A 283 -1.68 -5.93 1.78
N LEU A 284 -2.10 -6.57 0.70
CA LEU A 284 -1.44 -6.50 -0.59
C LEU A 284 -1.68 -5.09 -1.20
N GLY A 285 -0.58 -4.46 -1.59
CA GLY A 285 -0.61 -3.20 -2.33
C GLY A 285 0.24 -3.26 -3.54
N GLY A 286 0.52 -2.09 -4.08
CA GLY A 286 1.45 -1.91 -5.16
C GLY A 286 0.81 -1.42 -6.43
N PHE A 287 1.70 -1.04 -7.37
CA PHE A 287 1.25 -0.37 -8.55
C PHE A 287 1.72 -1.08 -9.81
N GLN A 288 0.98 -0.79 -10.87
CA GLN A 288 1.17 -1.40 -12.17
C GLN A 288 1.27 -0.32 -13.20
N LEU A 289 1.74 -0.66 -14.40
CA LEU A 289 1.96 0.34 -15.46
C LEU A 289 1.02 0.13 -16.62
N MET A 290 0.12 1.08 -16.86
CA MET A 290 -0.91 0.91 -17.90
C MET A 290 -0.65 1.89 -19.06
N VAL A 291 -0.79 1.40 -20.28
CA VAL A 291 -0.85 2.25 -21.46
C VAL A 291 -2.27 2.66 -21.68
N SER A 292 -2.50 3.95 -21.85
CA SER A 292 -3.84 4.40 -22.07
C SER A 292 -4.43 3.87 -23.40
N ALA A 293 -5.67 3.44 -23.34
CA ALA A 293 -6.42 3.04 -24.56
C ALA A 293 -6.55 4.30 -25.48
N TYR A 294 -6.38 5.50 -24.94
CA TYR A 294 -6.57 6.77 -25.66
C TYR A 294 -5.25 7.34 -26.07
N SER A 295 -4.13 6.66 -25.80
CA SER A 295 -2.85 7.14 -26.24
C SER A 295 -2.76 7.10 -27.78
N ARG A 296 -2.27 8.18 -28.33
CA ARG A 296 -2.00 8.28 -29.81
C ARG A 296 -0.70 7.54 -30.18
N TYR A 297 0.09 7.16 -29.19
CA TYR A 297 1.40 6.57 -29.36
C TYR A 297 1.60 5.24 -28.60
N PRO A 298 0.78 4.22 -28.91
CA PRO A 298 0.86 2.93 -28.23
C PRO A 298 2.16 2.25 -28.27
N LYS A 299 2.85 2.32 -29.42
CA LYS A 299 4.12 1.67 -29.53
C LYS A 299 5.15 2.24 -28.61
N GLU A 300 5.31 3.57 -28.61
CA GLU A 300 6.27 4.23 -27.80
C GLU A 300 5.92 4.06 -26.28
N ALA A 301 4.64 4.14 -25.97
CA ALA A 301 4.16 4.04 -24.58
C ALA A 301 4.41 2.63 -24.05
N VAL A 302 4.18 1.63 -24.87
CA VAL A 302 4.52 0.26 -24.49
C VAL A 302 6.00 0.13 -24.24
N ASP A 303 6.86 0.71 -25.10
CA ASP A 303 8.30 0.65 -24.88
CA ASP A 303 8.29 0.67 -24.88
C ASP A 303 8.69 1.25 -23.52
N LEU A 304 8.08 2.40 -23.19
CA LEU A 304 8.34 3.05 -21.93
C LEU A 304 7.90 2.14 -20.77
N VAL A 305 6.71 1.57 -20.86
CA VAL A 305 6.24 0.71 -19.78
C VAL A 305 7.15 -0.52 -19.57
N LYS A 306 7.58 -1.14 -20.68
CA LYS A 306 8.58 -2.24 -20.58
C LYS A 306 9.85 -1.82 -19.91
N TYR A 307 10.33 -0.62 -20.23
CA TYR A 307 11.51 -0.10 -19.58
C TYR A 307 11.30 0.13 -18.08
N LEU A 308 10.18 0.74 -17.75
CA LEU A 308 9.95 0.99 -16.31
C LEU A 308 9.84 -0.28 -15.50
N ALA A 309 9.30 -1.31 -16.11
CA ALA A 309 9.09 -2.57 -15.42
C ALA A 309 10.29 -3.46 -15.49
N SER A 310 11.32 -3.04 -16.18
CA SER A 310 12.51 -3.86 -16.38
C SER A 310 13.26 -4.20 -15.14
N TYR A 311 14.14 -5.21 -15.26
CA TYR A 311 14.98 -5.59 -14.15
C TYR A 311 15.75 -4.46 -13.56
N GLU A 312 16.46 -3.67 -14.36
CA GLU A 312 17.33 -2.64 -13.74
CA GLU A 312 17.30 -2.56 -13.91
C GLU A 312 16.55 -1.45 -13.13
N VAL A 313 15.41 -1.07 -13.70
CA VAL A 313 14.60 -0.01 -13.06
C VAL A 313 13.96 -0.51 -11.74
N GLN A 314 13.46 -1.75 -11.72
CA GLN A 314 12.93 -2.32 -10.47
C GLN A 314 14.06 -2.46 -9.45
N LYS A 315 15.27 -2.80 -9.88
CA LYS A 315 16.38 -2.93 -8.97
C LYS A 315 16.65 -1.57 -8.32
N ASP A 316 16.66 -0.51 -9.13
CA ASP A 316 16.91 0.85 -8.67
C ASP A 316 15.81 1.26 -7.65
N ASN A 317 14.55 0.91 -7.95
CA ASN A 317 13.42 1.17 -7.03
C ASN A 317 13.70 0.47 -5.68
N ALA A 318 14.16 -0.80 -5.71
CA ALA A 318 14.41 -1.55 -4.52
C ALA A 318 15.59 -0.94 -3.71
N VAL A 319 16.70 -0.67 -4.41
CA VAL A 319 17.93 -0.23 -3.73
C VAL A 319 17.76 1.18 -3.13
N ARG A 320 17.21 2.07 -3.94
CA ARG A 320 17.13 3.45 -3.52
C ARG A 320 15.86 3.83 -2.75
N LEU A 321 14.73 3.18 -3.05
CA LEU A 321 13.44 3.56 -2.47
C LEU A 321 12.84 2.45 -1.59
N SER A 322 13.57 1.32 -1.42
CA SER A 322 13.07 0.18 -0.61
C SER A 322 11.68 -0.25 -0.99
N ARG A 323 11.36 -0.22 -2.29
CA ARG A 323 10.11 -0.71 -2.76
C ARG A 323 10.22 -2.07 -3.43
N LEU A 324 9.20 -2.87 -3.26
CA LEU A 324 9.29 -4.35 -3.50
C LEU A 324 9.18 -4.70 -4.99
N PRO A 325 10.17 -5.42 -5.52
CA PRO A 325 10.07 -5.85 -6.91
C PRO A 325 8.88 -6.74 -7.19
N THR A 326 8.45 -6.76 -8.46
CA THR A 326 7.48 -7.75 -8.93
C THR A 326 8.13 -8.88 -9.74
N ARG A 327 9.46 -8.93 -9.72
CA ARG A 327 10.22 -10.00 -10.36
C ARG A 327 10.84 -10.83 -9.26
N PRO A 328 10.53 -12.12 -9.19
CA PRO A 328 11.18 -12.99 -8.19
C PRO A 328 12.70 -13.02 -8.30
N ALA A 329 13.25 -12.82 -9.48
CA ALA A 329 14.72 -12.83 -9.62
C ALA A 329 15.42 -11.74 -8.82
N LEU A 330 14.75 -10.62 -8.58
CA LEU A 330 15.35 -9.57 -7.79
C LEU A 330 15.53 -9.90 -6.35
N TYR A 331 14.74 -10.85 -5.82
CA TYR A 331 14.82 -11.15 -4.41
C TYR A 331 16.06 -12.05 -4.12
N THR A 332 16.72 -12.50 -5.17
CA THR A 332 18.02 -13.21 -4.98
C THR A 332 19.26 -12.43 -5.44
N ASP A 333 19.07 -11.19 -5.86
CA ASP A 333 20.12 -10.32 -6.34
C ASP A 333 20.97 -9.86 -5.15
N ARG A 334 22.29 -10.05 -5.23
CA ARG A 334 23.14 -9.78 -4.09
C ARG A 334 23.06 -8.31 -3.61
N ASP A 335 22.90 -7.37 -4.55
CA ASP A 335 22.91 -5.94 -4.20
C ASP A 335 21.57 -5.52 -3.60
N VAL A 336 20.47 -6.05 -4.14
CA VAL A 336 19.15 -5.83 -3.55
C VAL A 336 19.17 -6.32 -2.08
N LEU A 337 19.68 -7.53 -1.86
CA LEU A 337 19.62 -8.14 -0.55
C LEU A 337 20.60 -7.51 0.43
N ALA A 338 21.76 -7.06 -0.03
CA ALA A 338 22.71 -6.46 0.87
C ALA A 338 22.16 -5.11 1.43
N ARG A 339 21.44 -4.41 0.57
CA ARG A 339 20.86 -3.14 0.93
C ARG A 339 19.62 -3.35 1.79
N ASN A 340 18.80 -4.34 1.45
CA ASN A 340 17.54 -4.59 2.14
C ASN A 340 17.46 -6.07 2.59
N PRO A 341 18.15 -6.44 3.67
CA PRO A 341 18.23 -7.87 4.04
C PRO A 341 16.85 -8.39 4.45
N TRP A 342 16.02 -7.47 4.98
CA TRP A 342 14.65 -7.76 5.34
C TRP A 342 13.77 -8.18 4.20
N PHE A 343 14.15 -7.93 2.95
CA PHE A 343 13.40 -8.42 1.85
C PHE A 343 13.41 -9.95 1.87
N ARG A 344 14.52 -10.55 2.26
CA ARG A 344 14.54 -11.99 2.37
C ARG A 344 13.68 -12.49 3.53
N ASP A 345 13.82 -11.83 4.69
CA ASP A 345 13.24 -12.28 5.92
C ASP A 345 11.70 -12.24 5.78
N LEU A 346 11.18 -11.21 5.09
CA LEU A 346 9.75 -11.01 4.94
C LEU A 346 9.18 -11.44 3.64
N LEU A 347 9.98 -12.05 2.77
CA LEU A 347 9.44 -12.49 1.49
C LEU A 347 8.16 -13.35 1.65
N PRO A 348 8.15 -14.24 2.61
CA PRO A 348 6.93 -15.04 2.70
C PRO A 348 5.67 -14.21 3.22
N VAL A 349 5.91 -13.16 4.00
CA VAL A 349 4.87 -12.21 4.35
C VAL A 349 4.33 -11.53 3.09
N PHE A 350 5.23 -11.10 2.21
CA PHE A 350 4.86 -10.46 1.02
C PHE A 350 4.05 -11.42 0.12
N GLN A 351 4.48 -12.68 0.02
CA GLN A 351 3.77 -13.66 -0.78
C GLN A 351 2.41 -14.06 -0.26
N ASN A 352 2.21 -14.01 1.06
CA ASN A 352 0.97 -14.36 1.66
C ASN A 352 0.11 -13.12 1.97
N ALA A 353 0.43 -11.95 1.39
CA ALA A 353 -0.30 -10.75 1.64
C ALA A 353 -1.76 -10.99 1.36
N VAL A 354 -2.61 -10.43 2.16
CA VAL A 354 -4.04 -10.55 1.98
C VAL A 354 -4.58 -9.46 1.09
N SER A 355 -5.34 -9.85 0.08
CA SER A 355 -5.90 -8.83 -0.82
CA SER A 355 -5.93 -8.86 -0.84
C SER A 355 -7.20 -8.24 -0.31
N ARG A 356 -7.33 -6.93 -0.56
CA ARG A 356 -8.61 -6.27 -0.50
C ARG A 356 -9.59 -6.88 -1.53
N PRO A 357 -10.90 -6.64 -1.38
CA PRO A 357 -11.89 -7.39 -2.22
C PRO A 357 -12.08 -6.79 -3.62
N SER A 358 -10.99 -6.37 -4.25
CA SER A 358 -11.05 -5.79 -5.58
C SER A 358 -11.38 -6.81 -6.67
N ASP A 359 -10.89 -8.03 -6.60
CA ASP A 359 -11.34 -8.96 -7.63
C ASP A 359 -12.84 -9.22 -7.53
N VAL A 360 -13.36 -9.48 -6.33
CA VAL A 360 -14.76 -9.87 -6.21
C VAL A 360 -15.68 -8.67 -6.47
N ALA A 361 -15.30 -7.50 -6.03
CA ALA A 361 -16.11 -6.30 -6.29
C ALA A 361 -15.96 -5.70 -7.68
N GLY A 362 -14.85 -5.98 -8.36
CA GLY A 362 -14.64 -5.59 -9.77
C GLY A 362 -14.74 -4.10 -9.91
N ALA A 363 -15.57 -3.64 -10.85
CA ALA A 363 -15.69 -2.23 -11.15
C ALA A 363 -16.36 -1.48 -10.03
N ARG A 364 -17.01 -2.18 -9.09
CA ARG A 364 -17.62 -1.52 -7.96
C ARG A 364 -16.65 -1.43 -6.75
N TYR A 365 -15.37 -1.81 -6.89
CA TYR A 365 -14.53 -1.81 -5.71
C TYR A 365 -14.43 -0.47 -5.00
N ASN A 366 -14.33 0.64 -5.75
CA ASN A 366 -14.19 1.91 -5.06
C ASN A 366 -15.38 2.26 -4.16
N GLN A 367 -16.61 1.92 -4.61
CA GLN A 367 -17.77 2.13 -3.76
C GLN A 367 -17.71 1.24 -2.50
N VAL A 368 -17.28 -0.02 -2.65
CA VAL A 368 -17.15 -0.93 -1.52
C VAL A 368 -16.13 -0.36 -0.51
N SER A 369 -14.97 0.07 -1.01
CA SER A 369 -13.93 0.57 -0.11
C SER A 369 -14.36 1.83 0.60
N GLU A 370 -15.07 2.72 -0.08
CA GLU A 370 -15.58 3.91 0.58
C GLU A 370 -16.50 3.54 1.73
N ALA A 371 -17.33 2.50 1.51
CA ALA A 371 -18.14 2.03 2.59
C ALA A 371 -17.32 1.52 3.76
N ILE A 372 -16.31 0.72 3.45
CA ILE A 372 -15.44 0.20 4.49
C ILE A 372 -14.76 1.29 5.25
N TRP A 373 -14.14 2.24 4.58
CA TRP A 373 -13.33 3.20 5.33
C TRP A 373 -14.23 4.15 6.11
N THR A 374 -15.43 4.45 5.60
CA THR A 374 -16.30 5.34 6.38
C THR A 374 -16.87 4.66 7.63
N GLU A 375 -17.24 3.39 7.53
CA GLU A 375 -17.71 2.65 8.72
C GLU A 375 -16.57 2.39 9.73
N VAL A 376 -15.39 2.02 9.23
CA VAL A 376 -14.26 1.86 10.12
C VAL A 376 -13.93 3.21 10.81
N HIS A 377 -13.93 4.26 10.00
CA HIS A 377 -13.61 5.57 10.56
C HIS A 377 -14.56 5.97 11.69
N SER A 378 -15.84 5.60 11.54
CA SER A 378 -16.87 5.96 12.54
C SER A 378 -16.57 5.24 13.81
N VAL A 379 -15.84 4.11 13.75
CA VAL A 379 -15.40 3.47 14.97
C VAL A 379 -14.16 4.15 15.56
N LEU A 380 -13.17 4.49 14.72
CA LEU A 380 -12.00 5.15 15.23
C LEU A 380 -12.38 6.49 15.93
N THR A 381 -13.36 7.19 15.40
CA THR A 381 -13.72 8.56 15.91
C THR A 381 -14.57 8.45 17.18
N GLY A 382 -14.97 7.23 17.50
CA GLY A 382 -15.89 6.96 18.56
C GLY A 382 -17.34 7.17 18.28
N ARG A 383 -17.75 7.44 17.06
CA ARG A 383 -19.19 7.69 16.78
C ARG A 383 -19.99 6.39 16.96
N LYS A 384 -19.40 5.25 16.57
CA LYS A 384 -20.06 3.93 16.64
C LYS A 384 -19.16 2.92 17.27
N LYS A 385 -19.74 1.93 17.93
CA LYS A 385 -18.98 0.78 18.36
C LYS A 385 -18.77 -0.21 17.18
N GLY A 386 -17.77 -1.09 17.31
CA GLY A 386 -17.54 -2.06 16.24
C GLY A 386 -18.71 -2.92 15.88
N GLU A 387 -19.50 -3.35 16.87
CA GLU A 387 -20.69 -4.20 16.58
C GLU A 387 -21.65 -3.54 15.66
N GLN A 388 -21.97 -2.26 15.91
CA GLN A 388 -22.85 -1.53 15.05
C GLN A 388 -22.24 -1.25 13.69
N ALA A 389 -20.97 -0.87 13.68
CA ALA A 389 -20.31 -0.55 12.44
C ALA A 389 -20.23 -1.75 11.48
N VAL A 390 -19.95 -2.95 11.99
CA VAL A 390 -19.89 -4.12 11.05
C VAL A 390 -21.24 -4.52 10.55
N ARG A 391 -22.27 -4.33 11.34
CA ARG A 391 -23.60 -4.57 10.86
C ARG A 391 -24.00 -3.57 9.82
N ASP A 392 -23.70 -2.27 10.07
CA ASP A 392 -24.03 -1.25 9.14
C ASP A 392 -23.22 -1.40 7.84
N LEU A 393 -21.96 -1.81 8.00
CA LEU A 393 -21.13 -2.09 6.83
C LEU A 393 -21.60 -3.23 5.94
N GLU A 394 -22.01 -4.31 6.57
CA GLU A 394 -22.66 -5.43 5.88
C GLU A 394 -23.83 -4.97 5.04
N ALA A 395 -24.67 -4.14 5.63
CA ALA A 395 -25.82 -3.66 4.90
C ALA A 395 -25.45 -2.80 3.74
N ARG A 396 -24.47 -1.91 3.90
CA ARG A 396 -24.00 -1.08 2.82
C ARG A 396 -23.39 -1.85 1.67
N ILE A 397 -22.50 -2.78 2.02
CA ILE A 397 -21.91 -3.60 0.98
C ILE A 397 -22.96 -4.48 0.25
N ARG A 398 -23.94 -5.01 1.00
CA ARG A 398 -25.02 -5.78 0.34
C ARG A 398 -25.75 -4.96 -0.70
N ARG A 399 -26.01 -3.69 -0.39
CA ARG A 399 -26.64 -2.79 -1.40
C ARG A 399 -25.76 -2.56 -2.59
N ILE A 400 -24.46 -2.36 -2.33
CA ILE A 400 -23.51 -2.06 -3.43
C ILE A 400 -23.36 -3.23 -4.35
N LEU A 401 -23.27 -4.43 -3.81
CA LEU A 401 -22.93 -5.58 -4.62
C LEU A 401 -24.18 -6.35 -5.05
N ARG A 402 -25.37 -5.88 -4.65
CA ARG A 402 -26.63 -6.68 -4.79
C ARG A 402 -26.76 -7.46 -6.10
N HIS A 403 -26.69 -6.73 -7.21
CA HIS A 403 -26.85 -7.33 -8.55
C HIS A 403 -25.53 -7.39 -9.32
N HIS A 404 -24.43 -7.33 -8.59
CA HIS A 404 -23.11 -7.43 -9.25
C HIS A 404 -22.86 -8.86 -9.82
C1 GLC B . 0.09 2.11 -0.97
C2 GLC B . -0.22 0.82 -1.73
C3 GLC B . -1.53 0.89 -2.47
C4 GLC B . -2.64 1.33 -1.49
C5 GLC B . -2.26 2.65 -0.83
C6 GLC B . -3.26 3.06 0.19
O2 GLC B . 0.80 0.45 -2.64
O3 GLC B . -1.92 -0.39 -3.06
O4 GLC B . -3.94 1.36 -2.19
O5 GLC B . -0.99 2.57 -0.18
O6 GLC B . -2.99 4.38 0.73
C1 GLC B . 0.85 4.35 -1.45
C2 GLC B . 1.04 5.41 -2.55
C3 GLC B . 2.14 5.05 -3.52
C4 GLC B . 3.39 4.71 -2.72
C5 GLC B . 2.98 3.58 -1.78
C6 GLC B . 3.91 2.80 -0.85
O1 GLC B . 0.39 3.08 -1.95
O2 GLC B . -0.29 5.57 -3.13
O3 GLC B . 2.32 6.02 -4.65
O4 GLC B . 4.41 4.34 -3.67
O5 GLC B . 2.06 4.14 -0.84
O6 GLC B . 4.98 2.28 -1.64
C1 CIT C . -17.75 -5.23 -13.40
O1 CIT C . -17.22 -5.55 -14.49
O2 CIT C . -17.37 -5.57 -12.21
C2 CIT C . -18.94 -4.31 -13.52
C3 CIT C . -20.03 -4.93 -14.32
O7 CIT C . -20.05 -6.33 -13.87
C4 CIT C . -21.38 -4.27 -14.10
C5 CIT C . -21.73 -4.29 -12.61
O3 CIT C . -21.23 -3.39 -11.84
O4 CIT C . -22.51 -5.19 -12.24
C6 CIT C . -19.71 -4.78 -15.80
O5 CIT C . -19.25 -3.68 -16.25
O6 CIT C . -19.91 -5.83 -16.45
C1 EDO D . -11.72 -12.93 -5.39
O1 EDO D . -12.72 -13.69 -6.13
C2 EDO D . -10.36 -13.56 -5.12
O2 EDO D . -9.38 -13.38 -6.17
#